data_5RZC
#
_entry.id   5RZC
#
_cell.length_a   38.470
_cell.length_b   77.060
_cell.length_c   99.560
_cell.angle_alpha   90.000
_cell.angle_beta   90.000
_cell.angle_gamma   90.000
#
_symmetry.space_group_name_H-M   'P 21 21 21'
#
loop_
_entity.id
_entity.type
_entity.pdbx_description
1 polymer 'Isoform 2 of Band 4.1-like protein 3'
2 non-polymer 'N-[(3-fluorophenyl)methyl]-N-methylsulfuric diamide'
3 non-polymer 'DIMETHYL SULFOXIDE'
4 non-polymer 1,2-ETHANEDIOL
5 water water
#
_entity_poly.entity_id   1
_entity_poly.type   'polypeptide(L)'
_entity_poly.pdbx_seq_one_letter_code
;SMPKSMQCKVILLDGSEYTCDVEKRSRGQVLFDKVCEHLNLLEKDYFGLTYRDAENQKNWLDPAKEIKKQVRSGAWHFSF
NVKFYPPDPAQLSEDITRYYLCLQLRDDIVSGRLPCSFVTLALLGSYTVQSELGDYDPDECGSDYISEFRFAPNHTKELE
DKVIELHKSHRGMTPAEAEMHFLENAKKLSMYGVDLHHAKDSEGVEIMLGVCASGLLIYRDRLRINRFAWPKVLKISYKR
NNFYIKIRPGEFEQFESTIGFKLPNHRAAKRLWKVCVEHHTFFRLL
;
_entity_poly.pdbx_strand_id   A
#
# COMPACT_ATOMS: atom_id res chain seq x y z
N PRO A 3 -33.30 -16.09 1.29
CA PRO A 3 -32.03 -15.40 1.02
C PRO A 3 -30.85 -16.03 1.80
N LYS A 4 -29.76 -16.30 1.12
CA LYS A 4 -28.62 -17.06 1.70
C LYS A 4 -27.41 -16.15 1.78
N SER A 5 -26.78 -16.08 2.95
N SER A 5 -26.85 -16.02 2.98
CA SER A 5 -25.67 -15.14 3.25
CA SER A 5 -25.66 -15.18 3.28
C SER A 5 -24.39 -15.91 3.60
C SER A 5 -24.41 -16.06 3.27
N MET A 6 -23.25 -15.41 3.11
CA MET A 6 -21.92 -16.00 3.33
C MET A 6 -21.23 -15.14 4.40
N GLN A 7 -20.56 -15.80 5.31
CA GLN A 7 -19.73 -15.14 6.33
C GLN A 7 -18.44 -14.64 5.70
N CYS A 8 -18.10 -13.36 5.95
CA CYS A 8 -16.83 -12.75 5.53
C CYS A 8 -15.99 -12.44 6.77
N LYS A 9 -14.70 -12.78 6.70
CA LYS A 9 -13.68 -12.44 7.71
C LYS A 9 -12.67 -11.47 7.08
N VAL A 10 -12.54 -10.31 7.70
CA VAL A 10 -11.67 -9.22 7.19
C VAL A 10 -10.61 -8.94 8.25
N ILE A 11 -9.35 -9.05 7.86
CA ILE A 11 -8.22 -8.58 8.70
C ILE A 11 -8.15 -7.07 8.53
N LEU A 12 -8.32 -6.36 9.63
CA LEU A 12 -8.17 -4.88 9.73
C LEU A 12 -6.71 -4.52 9.96
N LEU A 13 -6.39 -3.25 9.79
CA LEU A 13 -4.99 -2.81 9.73
C LEU A 13 -4.33 -2.83 11.10
N ASP A 14 -5.07 -2.88 12.21
CA ASP A 14 -4.48 -3.13 13.56
C ASP A 14 -4.35 -4.63 13.83
N GLY A 15 -4.62 -5.48 12.84
CA GLY A 15 -4.44 -6.94 12.98
C GLY A 15 -5.67 -7.63 13.57
N SER A 16 -6.68 -6.87 13.98
CA SER A 16 -7.96 -7.43 14.47
C SER A 16 -8.75 -7.99 13.27
N GLU A 17 -9.73 -8.83 13.58
CA GLU A 17 -10.59 -9.54 12.59
C GLU A 17 -12.01 -9.00 12.72
N TYR A 18 -12.61 -8.56 11.61
CA TYR A 18 -14.03 -8.15 11.57
C TYR A 18 -14.78 -9.24 10.82
N THR A 19 -15.94 -9.65 11.33
CA THR A 19 -16.79 -10.71 10.75
C THR A 19 -18.16 -10.11 10.46
N CYS A 20 -18.64 -10.31 9.25
CA CYS A 20 -20.02 -9.97 8.85
C CYS A 20 -20.50 -10.97 7.81
N ASP A 21 -21.76 -10.83 7.43
CA ASP A 21 -22.42 -11.70 6.43
C ASP A 21 -22.87 -10.78 5.30
N VAL A 22 -22.80 -11.25 4.07
CA VAL A 22 -23.42 -10.61 2.88
C VAL A 22 -24.18 -11.71 2.12
N GLU A 23 -25.22 -11.33 1.39
CA GLU A 23 -25.94 -12.26 0.47
C GLU A 23 -24.87 -12.87 -0.43
N LYS A 24 -25.00 -14.17 -0.73
CA LYS A 24 -23.95 -14.93 -1.48
C LYS A 24 -23.63 -14.35 -2.86
N ARG A 25 -24.57 -13.68 -3.53
CA ARG A 25 -24.32 -13.05 -4.87
C ARG A 25 -23.87 -11.58 -4.72
N SER A 26 -23.55 -11.11 -3.51
CA SER A 26 -23.10 -9.71 -3.27
C SER A 26 -21.87 -9.34 -4.10
N ARG A 27 -21.82 -8.09 -4.56
CA ARG A 27 -20.62 -7.48 -5.16
C ARG A 27 -19.67 -7.03 -4.07
N GLY A 28 -18.41 -6.84 -4.41
CA GLY A 28 -17.37 -6.47 -3.43
C GLY A 28 -17.78 -5.23 -2.65
N GLN A 29 -18.45 -4.27 -3.30
CA GLN A 29 -18.74 -2.94 -2.68
C GLN A 29 -19.58 -3.13 -1.42
N VAL A 30 -20.48 -4.11 -1.43
CA VAL A 30 -21.42 -4.40 -0.32
C VAL A 30 -20.58 -4.72 0.91
N LEU A 31 -19.62 -5.64 0.78
CA LEU A 31 -18.72 -6.00 1.92
C LEU A 31 -17.92 -4.78 2.33
N PHE A 32 -17.30 -4.10 1.37
CA PHE A 32 -16.44 -2.94 1.63
C PHE A 32 -17.22 -1.87 2.41
N ASP A 33 -18.44 -1.57 1.98
CA ASP A 33 -19.27 -0.54 2.66
C ASP A 33 -19.44 -0.94 4.13
N LYS A 34 -19.72 -2.21 4.43
CA LYS A 34 -19.82 -2.70 5.85
C LYS A 34 -18.51 -2.46 6.60
N VAL A 35 -17.39 -2.84 6.02
CA VAL A 35 -16.09 -2.64 6.71
C VAL A 35 -15.90 -1.16 7.02
N CYS A 36 -16.13 -0.28 6.02
CA CYS A 36 -15.86 1.15 6.17
C CYS A 36 -16.79 1.73 7.23
N GLU A 37 -18.06 1.35 7.23
CA GLU A 37 -18.99 1.76 8.33
C GLU A 37 -18.42 1.30 9.69
N HIS A 38 -17.96 0.07 9.82
CA HIS A 38 -17.35 -0.42 11.09
C HIS A 38 -16.14 0.47 11.48
N LEU A 39 -15.36 0.92 10.49
CA LEU A 39 -14.13 1.70 10.73
C LEU A 39 -14.43 3.20 10.90
N ASN A 40 -15.69 3.64 10.78
CA ASN A 40 -16.09 5.07 10.75
C ASN A 40 -15.33 5.84 9.65
N LEU A 41 -15.16 5.22 8.48
CA LEU A 41 -14.28 5.76 7.42
C LEU A 41 -15.16 6.33 6.31
N LEU A 42 -15.02 7.62 6.03
CA LEU A 42 -15.80 8.31 4.96
C LEU A 42 -14.94 8.43 3.70
N GLU A 43 -13.64 8.66 3.83
CA GLU A 43 -12.81 8.86 2.62
C GLU A 43 -12.40 7.49 2.11
N LYS A 44 -13.36 6.74 1.63
CA LYS A 44 -13.21 5.29 1.36
C LYS A 44 -12.49 5.01 0.02
N ASP A 45 -12.42 5.98 -0.90
CA ASP A 45 -11.98 5.72 -2.29
C ASP A 45 -10.46 5.37 -2.31
N TYR A 46 -9.73 5.72 -1.26
CA TYR A 46 -8.27 5.43 -1.19
C TYR A 46 -8.06 3.97 -0.77
N PHE A 47 -9.12 3.25 -0.40
CA PHE A 47 -8.96 1.93 0.29
C PHE A 47 -9.64 0.84 -0.55
N GLY A 48 -9.43 -0.41 -0.15
CA GLY A 48 -9.95 -1.56 -0.85
C GLY A 48 -9.80 -2.79 0.01
N LEU A 49 -10.29 -3.92 -0.50
CA LEU A 49 -10.13 -5.24 0.14
C LEU A 49 -9.27 -6.08 -0.75
N THR A 50 -8.38 -6.85 -0.15
CA THR A 50 -7.56 -7.84 -0.87
C THR A 50 -7.98 -9.24 -0.40
N TYR A 51 -7.60 -10.24 -1.18
CA TYR A 51 -7.71 -11.67 -0.78
C TYR A 51 -6.45 -12.36 -1.31
N ARG A 52 -6.20 -13.58 -0.83
CA ARG A 52 -5.08 -14.43 -1.29
C ARG A 52 -5.67 -15.63 -2.04
N ASP A 53 -5.14 -15.91 -3.23
CA ASP A 53 -5.47 -17.14 -4.02
C ASP A 53 -4.60 -18.30 -3.50
N ALA A 54 -4.72 -19.47 -4.14
CA ALA A 54 -4.04 -20.72 -3.73
C ALA A 54 -2.52 -20.58 -3.90
N GLU A 55 -2.09 -19.56 -4.64
CA GLU A 55 -0.65 -19.18 -4.80
C GLU A 55 -0.27 -18.25 -3.63
N ASN A 56 -1.23 -17.90 -2.78
CA ASN A 56 -1.06 -16.94 -1.66
C ASN A 56 -0.60 -15.59 -2.22
N GLN A 57 -0.95 -15.29 -3.48
CA GLN A 57 -0.72 -13.96 -4.10
C GLN A 57 -1.92 -13.06 -3.78
N LYS A 58 -1.67 -11.75 -3.64
CA LYS A 58 -2.69 -10.78 -3.24
C LYS A 58 -3.38 -10.26 -4.50
N ASN A 59 -4.71 -10.16 -4.44
CA ASN A 59 -5.60 -9.68 -5.52
C ASN A 59 -6.54 -8.63 -4.94
N TRP A 60 -6.80 -7.56 -5.69
CA TRP A 60 -7.78 -6.53 -5.26
C TRP A 60 -9.15 -7.15 -5.49
N LEU A 61 -10.00 -7.13 -4.48
CA LEU A 61 -11.43 -7.46 -4.68
C LEU A 61 -12.09 -6.32 -5.47
N ASP A 62 -12.56 -6.62 -6.67
CA ASP A 62 -13.26 -5.62 -7.52
C ASP A 62 -14.64 -5.34 -6.93
N PRO A 63 -14.90 -4.09 -6.51
CA PRO A 63 -16.14 -3.74 -5.86
C PRO A 63 -17.35 -3.92 -6.77
N ALA A 64 -17.14 -3.86 -8.10
CA ALA A 64 -18.22 -3.94 -9.10
C ALA A 64 -18.62 -5.38 -9.40
N LYS A 65 -17.80 -6.37 -9.03
CA LYS A 65 -18.04 -7.77 -9.43
C LYS A 65 -18.51 -8.59 -8.24
N GLU A 66 -19.21 -9.69 -8.52
CA GLU A 66 -19.62 -10.64 -7.44
C GLU A 66 -18.35 -11.09 -6.72
N ILE A 67 -18.45 -11.17 -5.39
CA ILE A 67 -17.36 -11.74 -4.56
C ILE A 67 -17.11 -13.18 -5.00
N LYS A 68 -18.16 -13.96 -5.19
CA LYS A 68 -18.01 -15.42 -5.48
C LYS A 68 -17.22 -15.64 -6.77
N LYS A 69 -17.35 -14.78 -7.78
CA LYS A 69 -16.67 -14.98 -9.08
C LYS A 69 -15.22 -14.50 -8.98
N GLN A 70 -14.82 -13.98 -7.83
CA GLN A 70 -13.42 -13.56 -7.62
C GLN A 70 -12.75 -14.56 -6.68
N VAL A 71 -13.32 -14.80 -5.50
CA VAL A 71 -12.68 -15.72 -4.51
C VAL A 71 -12.75 -17.15 -5.05
N ARG A 72 -13.79 -17.44 -5.84
CA ARG A 72 -13.93 -18.70 -6.63
C ARG A 72 -13.89 -19.87 -5.66
N SER A 73 -12.77 -20.62 -5.58
CA SER A 73 -12.64 -21.82 -4.72
C SER A 73 -12.15 -21.46 -3.31
N GLY A 74 -11.62 -20.24 -3.08
CA GLY A 74 -11.02 -19.81 -1.80
C GLY A 74 -12.02 -19.45 -0.70
N ALA A 75 -11.55 -19.43 0.55
CA ALA A 75 -12.24 -18.87 1.73
C ALA A 75 -12.63 -17.42 1.49
N TRP A 76 -13.76 -16.98 2.05
CA TRP A 76 -14.19 -15.56 2.07
C TRP A 76 -13.44 -14.79 3.17
N HIS A 77 -12.12 -14.74 3.00
CA HIS A 77 -11.12 -14.16 3.92
C HIS A 77 -10.45 -13.01 3.17
N PHE A 78 -10.50 -11.84 3.77
CA PHE A 78 -10.04 -10.60 3.12
C PHE A 78 -9.15 -9.83 4.08
N SER A 79 -8.43 -8.86 3.51
CA SER A 79 -7.67 -7.84 4.26
C SER A 79 -8.12 -6.47 3.79
N PHE A 80 -8.21 -5.53 4.72
CA PHE A 80 -8.51 -4.10 4.45
C PHE A 80 -7.17 -3.38 4.27
N ASN A 81 -7.02 -2.64 3.17
CA ASN A 81 -5.72 -2.07 2.74
C ASN A 81 -5.93 -0.72 2.06
N VAL A 82 -4.87 0.06 2.11
CA VAL A 82 -4.77 1.27 1.25
C VAL A 82 -4.54 0.77 -0.17
N LYS A 83 -5.31 1.27 -1.11
CA LYS A 83 -5.17 0.92 -2.53
C LYS A 83 -4.42 2.06 -3.22
N PHE A 84 -4.86 3.30 -2.98
CA PHE A 84 -4.28 4.51 -3.61
C PHE A 84 -3.65 5.37 -2.51
N TYR A 85 -2.32 5.43 -2.46
CA TYR A 85 -1.62 6.19 -1.42
C TYR A 85 -1.70 7.67 -1.81
N PRO A 86 -2.31 8.52 -0.98
CA PRO A 86 -2.41 9.95 -1.29
C PRO A 86 -1.01 10.55 -1.40
N PRO A 87 -0.64 11.28 -2.49
CA PRO A 87 0.65 11.94 -2.56
C PRO A 87 0.82 13.03 -1.49
N ASP A 88 -0.29 13.60 -1.04
CA ASP A 88 -0.26 14.66 0.01
C ASP A 88 -1.32 14.39 1.05
N PRO A 89 -0.97 13.56 2.05
CA PRO A 89 -1.92 13.17 3.10
C PRO A 89 -2.48 14.33 3.93
N ALA A 90 -1.77 15.47 4.00
CA ALA A 90 -2.22 16.69 4.72
C ALA A 90 -3.51 17.21 4.09
N GLN A 91 -3.77 16.87 2.83
CA GLN A 91 -4.96 17.37 2.11
C GLN A 91 -6.15 16.43 2.29
N LEU A 92 -5.99 15.25 2.90
CA LEU A 92 -7.19 14.44 3.23
C LEU A 92 -8.06 15.23 4.19
N SER A 93 -9.37 15.04 4.10
CA SER A 93 -10.30 15.86 4.89
C SER A 93 -10.40 15.34 6.34
N GLU A 94 -10.11 14.05 6.64
CA GLU A 94 -10.34 13.54 8.01
C GLU A 94 -9.09 12.94 8.64
N ASP A 95 -8.92 13.20 9.92
CA ASP A 95 -7.85 12.60 10.73
C ASP A 95 -8.00 11.07 10.68
N ILE A 96 -9.21 10.52 10.65
CA ILE A 96 -9.35 9.05 10.77
C ILE A 96 -8.80 8.42 9.50
N THR A 97 -8.87 9.14 8.38
CA THR A 97 -8.30 8.70 7.11
C THR A 97 -6.79 8.61 7.25
N ARG A 98 -6.16 9.64 7.79
CA ARG A 98 -4.69 9.64 7.99
C ARG A 98 -4.31 8.51 8.95
N TYR A 99 -5.16 8.24 9.92
CA TYR A 99 -4.87 7.20 10.93
C TYR A 99 -4.71 5.83 10.25
N TYR A 100 -5.69 5.44 9.45
CA TYR A 100 -5.62 4.14 8.75
C TYR A 100 -4.45 4.15 7.77
N LEU A 101 -4.22 5.27 7.08
CA LEU A 101 -3.01 5.35 6.22
C LEU A 101 -1.74 5.06 7.03
N CYS A 102 -1.59 5.63 8.24
CA CYS A 102 -0.41 5.37 9.11
C CYS A 102 -0.34 3.87 9.41
N LEU A 103 -1.47 3.25 9.74
CA LEU A 103 -1.47 1.80 10.12
C LEU A 103 -0.98 1.00 8.92
N GLN A 104 -1.42 1.34 7.71
CA GLN A 104 -0.98 0.61 6.48
C GLN A 104 0.52 0.79 6.34
N LEU A 105 1.01 2.03 6.47
CA LEU A 105 2.44 2.33 6.26
C LEU A 105 3.29 1.60 7.32
N ARG A 106 2.84 1.53 8.58
CA ARG A 106 3.54 0.72 9.61
C ARG A 106 3.77 -0.70 9.10
N ASP A 107 2.76 -1.31 8.50
CA ASP A 107 2.89 -2.71 7.97
C ASP A 107 3.78 -2.70 6.73
N ASP A 108 3.74 -1.67 5.88
CA ASP A 108 4.61 -1.54 4.69
C ASP A 108 6.07 -1.53 5.16
N ILE A 109 6.34 -0.87 6.29
CA ILE A 109 7.72 -0.75 6.84
C ILE A 109 8.12 -2.09 7.43
N VAL A 110 7.31 -2.65 8.30
CA VAL A 110 7.67 -3.88 9.07
C VAL A 110 7.87 -5.02 8.06
N SER A 111 7.10 -5.02 6.97
CA SER A 111 7.15 -6.05 5.92
C SER A 111 8.36 -5.88 5.00
N GLY A 112 9.02 -4.71 4.92
CA GLY A 112 10.12 -4.42 3.98
C GLY A 112 9.65 -3.94 2.62
N ARG A 113 8.33 -3.81 2.40
CA ARG A 113 7.82 -3.21 1.16
C ARG A 113 8.29 -1.76 1.06
N LEU A 114 8.51 -1.09 2.20
CA LEU A 114 8.89 0.35 2.20
C LEU A 114 10.22 0.48 2.94
N PRO A 115 11.34 0.41 2.20
CA PRO A 115 12.67 0.54 2.78
C PRO A 115 12.82 1.92 3.42
N CYS A 116 13.59 1.95 4.50
N CYS A 116 13.39 1.92 4.62
CA CYS A 116 13.68 3.09 5.43
CA CYS A 116 13.72 3.11 5.44
C CYS A 116 15.06 3.03 6.11
C CYS A 116 15.15 3.00 5.94
N SER A 117 15.80 4.14 6.13
CA SER A 117 17.05 4.28 6.89
C SER A 117 16.76 4.03 8.36
N PHE A 118 17.81 3.72 9.11
CA PHE A 118 17.80 3.62 10.57
C PHE A 118 17.10 4.83 11.16
N VAL A 119 17.56 6.05 10.82
CA VAL A 119 17.00 7.25 11.48
C VAL A 119 15.52 7.41 11.14
N THR A 120 15.09 7.19 9.89
CA THR A 120 13.66 7.30 9.54
C THR A 120 12.86 6.20 10.25
N LEU A 121 13.40 4.99 10.37
CA LEU A 121 12.69 3.95 11.18
C LEU A 121 12.43 4.49 12.59
N ALA A 122 13.45 5.04 13.23
CA ALA A 122 13.36 5.54 14.62
C ALA A 122 12.40 6.74 14.69
N LEU A 123 12.46 7.67 13.72
CA LEU A 123 11.61 8.86 13.78
C LEU A 123 10.14 8.46 13.61
N LEU A 124 9.81 7.69 12.58
CA LEU A 124 8.46 7.11 12.37
C LEU A 124 7.98 6.36 13.62
N GLY A 125 8.82 5.48 14.13
CA GLY A 125 8.52 4.74 15.36
C GLY A 125 8.20 5.71 16.50
N SER A 126 8.98 6.78 16.63
CA SER A 126 8.79 7.77 17.72
C SER A 126 7.40 8.44 17.59
N TYR A 127 6.94 8.79 16.39
CA TYR A 127 5.59 9.40 16.17
C TYR A 127 4.49 8.38 16.43
N THR A 128 4.68 7.12 16.05
CA THR A 128 3.73 6.01 16.38
C THR A 128 3.59 5.92 17.90
N VAL A 129 4.70 5.92 18.66
CA VAL A 129 4.64 5.78 20.15
C VAL A 129 3.89 7.00 20.71
N GLN A 130 4.20 8.22 20.23
CA GLN A 130 3.58 9.45 20.73
C GLN A 130 2.06 9.35 20.51
N SER A 131 1.65 8.89 19.33
N SER A 131 1.63 8.84 19.35
CA SER A 131 0.23 8.70 18.92
CA SER A 131 0.21 8.72 18.93
C SER A 131 -0.43 7.63 19.81
C SER A 131 -0.49 7.56 19.65
N GLU A 132 0.24 6.49 19.99
CA GLU A 132 -0.37 5.28 20.63
C GLU A 132 -0.37 5.46 22.16
N LEU A 133 0.68 6.07 22.73
CA LEU A 133 0.92 6.05 24.20
C LEU A 133 0.98 7.46 24.76
N GLY A 134 1.02 8.52 23.96
CA GLY A 134 1.14 9.88 24.53
C GLY A 134 2.56 10.24 24.90
N ASP A 135 2.75 11.19 25.81
CA ASP A 135 4.06 11.75 26.22
C ASP A 135 4.95 10.67 26.82
N TYR A 136 6.26 10.79 26.53
CA TYR A 136 7.32 9.92 27.09
C TYR A 136 7.15 9.86 28.62
N ASP A 137 7.19 8.64 29.15
CA ASP A 137 7.11 8.33 30.59
C ASP A 137 8.28 7.45 30.98
N PRO A 138 9.28 7.98 31.72
CA PRO A 138 10.42 7.17 32.16
C PRO A 138 10.04 5.91 32.99
N ASP A 139 8.91 5.96 33.71
CA ASP A 139 8.40 4.88 34.60
C ASP A 139 8.22 3.58 33.80
N GLU A 140 7.64 3.67 32.61
CA GLU A 140 7.41 2.51 31.70
C GLU A 140 8.74 2.07 31.09
N CYS A 141 9.55 3.04 30.66
CA CYS A 141 10.78 2.83 29.84
C CYS A 141 11.79 1.96 30.58
N GLY A 142 12.90 2.57 31.03
CA GLY A 142 14.07 1.87 31.57
C GLY A 142 15.13 1.71 30.49
N SER A 143 16.39 1.49 30.90
CA SER A 143 17.58 1.40 30.00
C SER A 143 17.52 0.11 29.17
N ASP A 144 16.64 -0.83 29.53
CA ASP A 144 16.51 -2.15 28.86
C ASP A 144 15.13 -2.28 28.19
N TYR A 145 14.48 -1.17 27.86
CA TYR A 145 13.10 -1.16 27.29
C TYR A 145 13.07 -1.69 25.83
N ILE A 146 12.15 -2.60 25.55
CA ILE A 146 11.71 -2.98 24.17
C ILE A 146 10.20 -2.73 24.02
N SER A 147 9.81 -1.92 23.03
CA SER A 147 8.41 -1.49 22.78
C SER A 147 7.61 -2.68 22.25
N GLU A 148 6.31 -2.67 22.50
CA GLU A 148 5.42 -3.71 21.94
C GLU A 148 5.31 -3.48 20.44
N PHE A 149 5.53 -2.24 19.99
CA PHE A 149 5.24 -1.82 18.60
C PHE A 149 6.36 -2.40 17.75
N ARG A 150 5.97 -2.89 16.58
CA ARG A 150 6.87 -3.31 15.50
C ARG A 150 7.20 -2.05 14.72
N PHE A 151 8.48 -1.76 14.56
CA PHE A 151 8.98 -0.56 13.86
C PHE A 151 9.69 -0.86 12.56
N ALA A 152 10.15 -2.09 12.30
CA ALA A 152 11.15 -2.37 11.26
C ALA A 152 11.12 -3.84 10.92
N PRO A 153 11.66 -4.19 9.76
CA PRO A 153 11.72 -5.59 9.35
C PRO A 153 12.59 -6.41 10.30
N ASN A 154 13.62 -5.81 10.88
CA ASN A 154 14.44 -6.45 11.93
C ASN A 154 14.66 -5.44 13.06
N HIS A 155 14.44 -5.82 14.30
CA HIS A 155 14.59 -4.91 15.45
C HIS A 155 15.97 -5.10 16.10
N THR A 156 16.52 -4.02 16.61
CA THR A 156 17.83 -3.97 17.30
C THR A 156 17.60 -3.14 18.55
N LYS A 157 18.41 -3.36 19.58
CA LYS A 157 18.32 -2.51 20.78
C LYS A 157 18.64 -1.07 20.39
N GLU A 158 19.61 -0.82 19.51
CA GLU A 158 20.00 0.55 19.09
C GLU A 158 18.76 1.26 18.50
N LEU A 159 17.96 0.56 17.71
CA LEU A 159 16.76 1.18 17.12
C LEU A 159 15.78 1.49 18.26
N GLU A 160 15.57 0.58 19.21
CA GLU A 160 14.63 0.85 20.35
C GLU A 160 15.06 2.09 21.12
N ASP A 161 16.36 2.21 21.35
CA ASP A 161 16.91 3.35 22.10
C ASP A 161 16.66 4.66 21.35
N LYS A 162 16.82 4.62 20.02
CA LYS A 162 16.70 5.86 19.24
C LYS A 162 15.24 6.29 19.16
N VAL A 163 14.31 5.34 19.06
CA VAL A 163 12.83 5.61 19.18
C VAL A 163 12.58 6.35 20.50
N ILE A 164 13.15 5.89 21.59
CA ILE A 164 12.88 6.52 22.92
C ILE A 164 13.47 7.93 22.92
N GLU A 165 14.70 8.09 22.42
CA GLU A 165 15.39 9.41 22.41
C GLU A 165 14.49 10.40 21.67
N LEU A 166 13.97 10.01 20.51
CA LEU A 166 13.16 10.95 19.66
C LEU A 166 11.77 11.12 20.28
N HIS A 167 11.23 10.09 20.92
CA HIS A 167 9.93 10.18 21.63
C HIS A 167 9.99 11.27 22.71
N LYS A 168 11.11 11.36 23.43
CA LYS A 168 11.25 12.39 24.48
C LYS A 168 10.99 13.78 23.88
N SER A 169 11.34 14.00 22.60
CA SER A 169 11.31 15.34 21.99
C SER A 169 9.87 15.70 21.59
N HIS A 170 8.89 14.79 21.66
CA HIS A 170 7.52 15.04 21.14
C HIS A 170 6.55 15.42 22.27
N ARG A 171 7.03 15.77 23.45
CA ARG A 171 6.12 16.01 24.60
C ARG A 171 5.00 16.99 24.19
N GLY A 172 3.74 16.62 24.44
CA GLY A 172 2.55 17.46 24.23
C GLY A 172 1.88 17.25 22.89
N MET A 173 2.49 16.43 22.02
CA MET A 173 1.98 16.21 20.65
C MET A 173 0.75 15.33 20.75
N THR A 174 -0.33 15.71 20.07
CA THR A 174 -1.59 14.93 20.07
C THR A 174 -1.48 13.79 19.06
N PRO A 175 -2.31 12.72 19.14
CA PRO A 175 -2.23 11.64 18.16
C PRO A 175 -2.36 12.15 16.72
N ALA A 176 -3.28 13.09 16.44
CA ALA A 176 -3.49 13.63 15.08
C ALA A 176 -2.23 14.32 14.58
N GLU A 177 -1.56 15.08 15.46
CA GLU A 177 -0.31 15.80 15.12
C GLU A 177 0.82 14.78 14.85
N ALA A 178 0.98 13.78 15.70
CA ALA A 178 2.05 12.77 15.55
C ALA A 178 1.81 11.97 14.25
N GLU A 179 0.56 11.64 13.93
CA GLU A 179 0.18 10.93 12.67
C GLU A 179 0.47 11.83 11.47
N MET A 180 0.18 13.14 11.57
CA MET A 180 0.49 14.05 10.44
C MET A 180 2.01 14.08 10.20
N HIS A 181 2.84 14.19 11.24
CA HIS A 181 4.33 14.12 11.17
C HIS A 181 4.83 12.79 10.62
N PHE A 182 4.25 11.71 11.07
CA PHE A 182 4.58 10.36 10.52
C PHE A 182 4.44 10.44 9.00
N LEU A 183 3.28 10.89 8.53
CA LEU A 183 2.94 10.91 7.10
C LEU A 183 3.84 11.86 6.32
N GLU A 184 4.11 13.05 6.87
CA GLU A 184 4.96 14.08 6.20
C GLU A 184 6.34 13.46 5.92
N ASN A 185 6.82 12.60 6.80
CA ASN A 185 8.12 11.91 6.63
C ASN A 185 7.95 10.71 5.67
N ALA A 186 7.00 9.83 5.92
CA ALA A 186 6.85 8.59 5.13
C ALA A 186 6.60 8.90 3.65
N LYS A 187 5.86 9.97 3.35
CA LYS A 187 5.42 10.29 1.99
C LYS A 187 6.65 10.61 1.13
N LYS A 188 7.82 10.83 1.74
CA LYS A 188 9.01 11.29 0.97
C LYS A 188 9.91 10.10 0.62
N LEU A 189 9.64 8.95 1.19
CA LEU A 189 10.48 7.79 0.94
C LEU A 189 10.31 7.34 -0.51
N SER A 190 11.39 6.87 -1.10
CA SER A 190 11.45 6.60 -2.56
C SER A 190 10.39 5.53 -2.92
N MET A 191 10.09 4.54 -2.05
CA MET A 191 9.09 3.48 -2.39
C MET A 191 7.70 3.76 -1.79
N TYR A 192 7.43 4.95 -1.25
CA TYR A 192 6.08 5.30 -0.74
C TYR A 192 5.02 5.07 -1.81
N GLY A 193 4.05 4.20 -1.54
CA GLY A 193 2.90 3.98 -2.44
C GLY A 193 3.27 3.23 -3.72
N VAL A 194 4.47 2.64 -3.77
CA VAL A 194 4.97 1.91 -4.97
C VAL A 194 4.58 0.44 -4.83
N ASP A 195 3.71 -0.05 -5.72
CA ASP A 195 3.32 -1.48 -5.83
C ASP A 195 4.27 -2.17 -6.81
N LEU A 196 5.12 -3.10 -6.32
CA LEU A 196 6.19 -3.73 -7.13
C LEU A 196 5.73 -5.08 -7.69
N HIS A 197 5.97 -5.29 -8.98
CA HIS A 197 5.65 -6.53 -9.73
C HIS A 197 6.93 -7.10 -10.35
N HIS A 198 7.24 -8.37 -10.07
CA HIS A 198 8.33 -9.13 -10.75
C HIS A 198 8.03 -9.29 -12.25
N ALA A 199 9.01 -9.04 -13.10
CA ALA A 199 8.87 -9.22 -14.57
C ALA A 199 10.26 -9.47 -15.15
N LYS A 200 10.31 -9.92 -16.40
CA LYS A 200 11.55 -9.96 -17.21
C LYS A 200 11.43 -8.90 -18.31
N ASP A 201 12.53 -8.24 -18.69
CA ASP A 201 12.50 -7.28 -19.82
C ASP A 201 12.56 -8.10 -21.12
N SER A 202 12.67 -7.47 -22.29
CA SER A 202 12.63 -8.15 -23.62
C SER A 202 13.91 -8.98 -23.85
N GLU A 203 14.95 -8.74 -23.08
CA GLU A 203 16.23 -9.51 -23.14
C GLU A 203 16.22 -10.63 -22.10
N GLY A 204 15.13 -10.80 -21.34
CA GLY A 204 14.96 -11.88 -20.34
C GLY A 204 15.61 -11.55 -18.99
N VAL A 205 16.01 -10.30 -18.77
CA VAL A 205 16.63 -9.85 -17.49
C VAL A 205 15.51 -9.57 -16.47
N GLU A 206 15.64 -10.12 -15.26
CA GLU A 206 14.71 -9.91 -14.11
C GLU A 206 14.69 -8.42 -13.80
N ILE A 207 13.50 -7.82 -13.77
CA ILE A 207 13.30 -6.39 -13.40
C ILE A 207 12.16 -6.36 -12.38
N MET A 208 11.94 -5.18 -11.80
CA MET A 208 10.70 -4.93 -11.04
C MET A 208 9.97 -3.81 -11.74
N LEU A 209 8.67 -3.95 -11.95
CA LEU A 209 7.82 -2.82 -12.39
C LEU A 209 7.08 -2.22 -11.18
N GLY A 210 7.20 -0.92 -11.01
CA GLY A 210 6.59 -0.20 -9.88
C GLY A 210 5.43 0.62 -10.39
N VAL A 211 4.28 0.50 -9.74
CA VAL A 211 3.07 1.29 -10.10
C VAL A 211 2.81 2.24 -8.94
N CYS A 212 2.67 3.53 -9.21
CA CYS A 212 2.38 4.51 -8.13
C CYS A 212 1.63 5.70 -8.73
N ALA A 213 1.25 6.67 -7.91
CA ALA A 213 0.57 7.92 -8.29
C ALA A 213 1.22 8.63 -9.50
N SER A 214 2.55 8.69 -9.54
CA SER A 214 3.23 9.59 -10.51
C SER A 214 3.42 8.86 -11.84
N GLY A 215 3.47 7.52 -11.80
CA GLY A 215 3.64 6.76 -13.06
C GLY A 215 4.17 5.38 -12.84
N LEU A 216 4.99 4.97 -13.78
CA LEU A 216 5.47 3.59 -13.92
C LEU A 216 6.99 3.64 -13.73
N LEU A 217 7.50 2.78 -12.86
CA LEU A 217 8.95 2.64 -12.59
C LEU A 217 9.41 1.30 -13.17
N ILE A 218 10.52 1.29 -13.89
CA ILE A 218 11.18 0.05 -14.35
C ILE A 218 12.51 0.03 -13.62
N TYR A 219 12.66 -0.87 -12.65
CA TYR A 219 13.91 -1.05 -11.86
C TYR A 219 14.65 -2.29 -12.37
N ARG A 220 15.69 -2.08 -13.18
CA ARG A 220 16.60 -3.14 -13.68
C ARG A 220 17.67 -3.38 -12.61
N ASP A 221 18.54 -2.40 -12.37
CA ASP A 221 19.54 -2.43 -11.28
C ASP A 221 19.74 -1.01 -10.75
N ARG A 222 20.72 -0.82 -9.86
CA ARG A 222 20.92 0.46 -9.14
C ARG A 222 21.30 1.58 -10.14
N LEU A 223 21.95 1.22 -11.25
CA LEU A 223 22.44 2.18 -12.29
C LEU A 223 21.44 2.25 -13.46
N ARG A 224 20.47 1.32 -13.53
CA ARG A 224 19.54 1.15 -14.66
C ARG A 224 18.08 1.24 -14.16
N ILE A 225 17.56 2.46 -14.03
CA ILE A 225 16.16 2.74 -13.64
C ILE A 225 15.53 3.62 -14.73
N ASN A 226 14.27 3.35 -15.08
CA ASN A 226 13.46 4.19 -15.99
C ASN A 226 12.19 4.60 -15.24
N ARG A 227 11.77 5.85 -15.43
CA ARG A 227 10.57 6.44 -14.79
C ARG A 227 9.74 7.08 -15.90
N PHE A 228 8.50 6.64 -16.06
CA PHE A 228 7.57 7.18 -17.07
C PHE A 228 6.43 7.80 -16.25
N ALA A 229 6.43 9.12 -16.11
CA ALA A 229 5.27 9.85 -15.58
C ALA A 229 4.05 9.42 -16.42
N TRP A 230 2.86 9.44 -15.84
CA TRP A 230 1.62 9.02 -16.56
C TRP A 230 1.46 9.75 -17.90
N PRO A 231 1.77 11.07 -18.03
CA PRO A 231 1.58 11.77 -19.30
C PRO A 231 2.38 11.16 -20.46
N LYS A 232 3.49 10.51 -20.15
CA LYS A 232 4.41 9.87 -21.12
C LYS A 232 3.91 8.48 -21.53
N VAL A 233 2.98 7.86 -20.78
CA VAL A 233 2.42 6.52 -21.12
C VAL A 233 1.15 6.70 -21.97
N LEU A 234 1.21 6.37 -23.26
CA LEU A 234 0.07 6.48 -24.21
C LEU A 234 -1.00 5.46 -23.85
N LYS A 235 -0.56 4.23 -23.64
CA LYS A 235 -1.38 3.00 -23.72
C LYS A 235 -0.61 1.88 -23.01
N ILE A 236 -1.34 0.92 -22.44
CA ILE A 236 -0.78 -0.34 -21.90
C ILE A 236 -1.65 -1.50 -22.40
N SER A 237 -1.09 -2.70 -22.48
CA SER A 237 -1.83 -3.92 -22.90
C SER A 237 -1.23 -5.15 -22.22
N TYR A 238 -2.02 -6.21 -22.12
CA TYR A 238 -1.48 -7.56 -21.82
C TYR A 238 -2.03 -8.54 -22.87
N LYS A 239 -1.11 -9.35 -23.40
CA LYS A 239 -1.38 -10.51 -24.28
C LYS A 239 -0.75 -11.73 -23.63
N ARG A 240 -1.55 -12.76 -23.33
CA ARG A 240 -1.05 -14.02 -22.70
C ARG A 240 -0.28 -13.59 -21.44
N ASN A 241 1.03 -13.83 -21.36
CA ASN A 241 1.88 -13.50 -20.19
C ASN A 241 2.60 -12.17 -20.41
N ASN A 242 2.36 -11.51 -21.55
CA ASN A 242 3.12 -10.29 -21.94
C ASN A 242 2.36 -9.04 -21.48
N PHE A 243 3.12 -8.09 -20.93
CA PHE A 243 2.63 -6.73 -20.57
C PHE A 243 3.45 -5.76 -21.41
N TYR A 244 2.76 -4.89 -22.15
CA TYR A 244 3.36 -3.90 -23.08
C TYR A 244 3.00 -2.49 -22.60
N ILE A 245 3.98 -1.60 -22.67
CA ILE A 245 3.81 -0.14 -22.39
C ILE A 245 4.17 0.62 -23.67
N LYS A 246 3.26 1.45 -24.14
CA LYS A 246 3.50 2.41 -25.23
C LYS A 246 3.87 3.75 -24.60
N ILE A 247 5.00 4.33 -25.04
CA ILE A 247 5.56 5.61 -24.52
C ILE A 247 5.47 6.65 -25.63
N ARG A 248 4.85 7.80 -25.34
CA ARG A 248 4.74 8.95 -26.29
C ARG A 248 6.10 9.22 -26.91
N PRO A 249 6.16 9.68 -28.18
CA PRO A 249 7.41 10.18 -28.73
C PRO A 249 7.83 11.45 -27.98
N GLY A 250 9.13 11.66 -27.79
CA GLY A 250 9.69 12.98 -27.46
C GLY A 250 9.35 13.97 -28.57
N GLU A 251 9.21 15.27 -28.23
CA GLU A 251 8.82 16.32 -29.21
C GLU A 251 9.63 16.14 -30.49
N PHE A 252 8.97 16.21 -31.65
CA PHE A 252 9.56 16.19 -33.01
C PHE A 252 10.06 14.78 -33.38
N GLU A 253 9.73 13.76 -32.58
CA GLU A 253 9.81 12.34 -33.00
C GLU A 253 8.43 11.93 -33.52
N GLN A 254 8.38 10.99 -34.48
CA GLN A 254 7.13 10.64 -35.20
C GLN A 254 6.39 9.51 -34.49
N PHE A 255 7.10 8.55 -33.87
CA PHE A 255 6.52 7.26 -33.41
C PHE A 255 6.81 6.99 -31.94
N GLU A 256 5.74 6.63 -31.22
CA GLU A 256 5.81 6.04 -29.86
C GLU A 256 6.77 4.84 -29.89
N SER A 257 7.33 4.47 -28.74
CA SER A 257 8.12 3.23 -28.57
C SER A 257 7.32 2.25 -27.71
N THR A 258 7.43 0.96 -27.98
CA THR A 258 6.83 -0.10 -27.16
C THR A 258 7.95 -0.78 -26.36
N ILE A 259 7.80 -0.81 -25.04
CA ILE A 259 8.62 -1.68 -24.16
C ILE A 259 7.75 -2.87 -23.74
N GLY A 260 8.29 -4.08 -23.87
CA GLY A 260 7.58 -5.34 -23.58
C GLY A 260 8.14 -6.00 -22.34
N PHE A 261 7.30 -6.68 -21.56
CA PHE A 261 7.75 -7.38 -20.34
C PHE A 261 7.12 -8.77 -20.31
N LYS A 262 7.86 -9.74 -19.78
CA LYS A 262 7.30 -11.10 -19.56
C LYS A 262 6.96 -11.20 -18.09
N LEU A 263 5.71 -11.55 -17.80
CA LEU A 263 5.25 -11.80 -16.41
C LEU A 263 5.23 -13.32 -16.22
N PRO A 264 5.23 -13.77 -14.95
CA PRO A 264 5.29 -15.19 -14.63
C PRO A 264 4.19 -16.05 -15.27
N ASN A 265 3.01 -15.46 -15.45
CA ASN A 265 1.83 -16.16 -16.00
C ASN A 265 0.80 -15.12 -16.43
N HIS A 266 -0.27 -15.58 -17.05
CA HIS A 266 -1.35 -14.73 -17.60
C HIS A 266 -2.01 -13.95 -16.47
N ARG A 267 -2.26 -14.58 -15.32
CA ARG A 267 -2.94 -13.89 -14.20
C ARG A 267 -2.07 -12.72 -13.71
N ALA A 268 -0.75 -12.91 -13.58
CA ALA A 268 0.16 -11.84 -13.12
C ALA A 268 0.16 -10.68 -14.14
N ALA A 269 0.05 -10.98 -15.43
CA ALA A 269 0.02 -9.92 -16.45
C ALA A 269 -1.29 -9.15 -16.30
N LYS A 270 -2.39 -9.85 -16.08
CA LYS A 270 -3.73 -9.21 -16.01
C LYS A 270 -3.77 -8.32 -14.76
N ARG A 271 -3.23 -8.83 -13.65
CA ARG A 271 -3.19 -8.12 -12.35
C ARG A 271 -2.42 -6.80 -12.52
N LEU A 272 -1.23 -6.86 -13.11
CA LEU A 272 -0.39 -5.68 -13.37
C LEU A 272 -1.19 -4.69 -14.23
N TRP A 273 -1.81 -5.15 -15.31
CA TRP A 273 -2.61 -4.29 -16.20
C TRP A 273 -3.68 -3.55 -15.42
N LYS A 274 -4.45 -4.25 -14.60
CA LYS A 274 -5.61 -3.65 -13.91
C LYS A 274 -5.13 -2.61 -12.88
N VAL A 275 -4.06 -2.90 -12.13
CA VAL A 275 -3.52 -1.95 -11.09
C VAL A 275 -2.97 -0.71 -11.81
N CYS A 276 -2.40 -0.88 -13.00
CA CYS A 276 -1.91 0.26 -13.81
C CYS A 276 -3.09 1.10 -14.28
N VAL A 277 -4.12 0.46 -14.88
CA VAL A 277 -5.33 1.22 -15.31
C VAL A 277 -5.88 2.01 -14.11
N GLU A 278 -6.01 1.36 -12.97
CA GLU A 278 -6.65 1.96 -11.76
C GLU A 278 -5.82 3.15 -11.25
N HIS A 279 -4.50 3.04 -11.21
CA HIS A 279 -3.60 4.14 -10.79
C HIS A 279 -3.65 5.26 -11.83
N HIS A 280 -3.64 4.92 -13.12
CA HIS A 280 -3.71 5.93 -14.22
C HIS A 280 -4.94 6.82 -14.03
N THR A 281 -6.09 6.18 -13.77
CA THR A 281 -7.38 6.87 -13.56
C THR A 281 -7.28 7.75 -12.30
N PHE A 282 -6.54 7.31 -11.27
CA PHE A 282 -6.22 8.11 -10.07
C PHE A 282 -5.44 9.38 -10.47
N PHE A 283 -4.34 9.23 -11.22
CA PHE A 283 -3.49 10.36 -11.72
C PHE A 283 -4.34 11.37 -12.50
N ARG A 284 -5.24 10.88 -13.36
CA ARG A 284 -6.14 11.72 -14.18
C ARG A 284 -6.97 12.65 -13.29
N LEU A 285 -7.30 12.23 -12.07
CA LEU A 285 -8.26 12.95 -11.18
C LEU A 285 -7.51 13.85 -10.19
N LEU A 286 -6.19 13.75 -10.10
CA LEU A 286 -5.35 14.55 -9.17
C LEU A 286 -5.27 15.99 -9.69
#